data_6WCW
#
_entry.id   6WCW
#
_cell.length_a   60.040
_cell.length_b   45.330
_cell.length_c   186.277
_cell.angle_alpha   90.000
_cell.angle_beta   98.507
_cell.angle_gamma   90.000
#
_symmetry.space_group_name_H-M   'I 1 2 1'
#
loop_
_entity.id
_entity.type
_entity.pdbx_description
1 polymer 'Ras-related protein Rab-7a'
2 polymer 'Run domain Beclin-1-interacting and cysteine-rich domain-containing protein'
3 non-polymer "GUANOSINE-5'-TRIPHOSPHATE"
4 non-polymer 'MAGNESIUM ION'
5 non-polymer 'ZINC ION'
#
loop_
_entity_poly.entity_id
_entity_poly.type
_entity_poly.pdbx_seq_one_letter_code
_entity_poly.pdbx_strand_id
1 'polypeptide(L)'
;SNATSRKKVLLKVIILGDSGVGKTSLMNQYVNKKFSNQYKATIGADFLTKEVMVDDRLVTMQIWDTAGLERFQSLGVAFY
RGADCCVLVFDVTAPNTFKTLDSWRDEFLIQASPRDPENFPFVVLGNKIDLENRQVATKRAQAWCYSKNNIPYFETSAKE
AINVEQAFQTIARNALKQETEVEL
;
B
2 'polypeptide(L)'
;SNAQIIFNVHPAPTRKIAVAKQNYRCAGCGIRTDPDYIKRLRYCEYLGKYFCQCCHENAQMAIPSRVLRKWDFSKYYVSN
FSKDLLIKIWNDPLFNVQDINSALYRKVKLLNQVRLLRVQLCHMKNMFKTCRLAKELLDSFDTVPGHLTEDLHLYSLNDL
TATRKGELGPRLAELTRAGATHVERCMLCQAKGFICEFCQNEDDIIFPFELHKCRTCEECKACYHKACFKSGSCPRCERL
QARREALARQSLES
;
A
#
# COMPACT_ATOMS: atom_id res chain seq x y z
N VAL A 9 -12.79 4.03 -34.11
CA VAL A 9 -13.63 3.87 -32.91
C VAL A 9 -13.04 2.86 -31.91
N LEU A 10 -12.92 3.27 -30.64
CA LEU A 10 -12.35 2.42 -29.58
C LEU A 10 -13.24 2.46 -28.34
N LEU A 11 -13.67 1.28 -27.88
CA LEU A 11 -14.51 1.15 -26.70
C LEU A 11 -13.70 0.70 -25.50
N LYS A 12 -13.99 1.28 -24.33
CA LYS A 12 -13.38 0.86 -23.08
C LYS A 12 -14.44 0.16 -22.22
N VAL A 13 -14.17 -1.10 -21.88
CA VAL A 13 -15.05 -1.93 -21.06
C VAL A 13 -14.32 -2.28 -19.76
N ILE A 14 -15.04 -2.26 -18.64
CA ILE A 14 -14.49 -2.49 -17.32
C ILE A 14 -15.26 -3.60 -16.62
N ILE A 15 -14.55 -4.66 -16.20
CA ILE A 15 -15.14 -5.83 -15.58
C ILE A 15 -14.90 -5.78 -14.07
N LEU A 16 -15.99 -5.75 -13.30
CA LEU A 16 -15.98 -5.67 -11.85
C LEU A 16 -16.65 -6.91 -11.27
N GLY A 17 -16.51 -7.10 -9.97
CA GLY A 17 -17.15 -8.16 -9.25
C GLY A 17 -16.21 -8.86 -8.29
N ASP A 18 -16.81 -9.57 -7.33
CA ASP A 18 -16.08 -10.15 -6.21
C ASP A 18 -15.00 -11.13 -6.70
N SER A 19 -14.04 -11.41 -5.82
CA SER A 19 -12.92 -12.25 -6.23
C SER A 19 -13.40 -13.67 -6.49
N GLY A 20 -12.86 -14.28 -7.53
CA GLY A 20 -13.16 -15.66 -7.84
C GLY A 20 -14.50 -15.92 -8.49
N VAL A 21 -15.20 -14.88 -8.95
CA VAL A 21 -16.45 -15.11 -9.66
C VAL A 21 -16.24 -15.47 -11.13
N GLY A 22 -15.05 -15.25 -11.68
CA GLY A 22 -14.79 -15.56 -13.07
C GLY A 22 -14.51 -14.40 -14.02
N LYS A 23 -14.03 -13.26 -13.53
CA LYS A 23 -13.79 -12.12 -14.42
C LYS A 23 -12.66 -12.43 -15.40
N THR A 24 -11.50 -12.85 -14.87
CA THR A 24 -10.35 -13.18 -15.71
C THR A 24 -10.66 -14.33 -16.67
N SER A 25 -11.52 -15.27 -16.27
CA SER A 25 -11.87 -16.41 -17.10
C SER A 25 -12.89 -16.06 -18.18
N LEU A 26 -13.92 -15.27 -17.86
CA LEU A 26 -14.86 -14.84 -18.89
C LEU A 26 -14.17 -14.05 -19.97
N MET A 27 -13.16 -13.26 -19.58
CA MET A 27 -12.44 -12.43 -20.55
C MET A 27 -11.42 -13.26 -21.33
N ASN A 28 -10.78 -14.24 -20.68
CA ASN A 28 -9.92 -15.18 -21.40
C ASN A 28 -10.73 -16.04 -22.38
N GLN A 29 -11.87 -16.57 -21.91
CA GLN A 29 -12.76 -17.32 -22.79
C GLN A 29 -13.24 -16.47 -23.98
N TYR A 30 -13.62 -15.21 -23.76
CA TYR A 30 -14.13 -14.40 -24.88
C TYR A 30 -13.01 -14.01 -25.84
N VAL A 31 -11.89 -13.53 -25.32
CA VAL A 31 -10.88 -13.02 -26.23
C VAL A 31 -10.13 -14.17 -26.91
N ASN A 32 -9.90 -15.27 -26.19
CA ASN A 32 -8.99 -16.31 -26.67
C ASN A 32 -9.63 -17.69 -26.77
N LYS A 33 -10.93 -17.81 -26.49
CA LYS A 33 -11.64 -19.09 -26.56
C LYS A 33 -10.91 -20.18 -25.78
N LYS A 34 -10.27 -19.77 -24.67
CA LYS A 34 -9.44 -20.59 -23.79
C LYS A 34 -10.04 -20.60 -22.38
N PHE A 35 -9.70 -21.64 -21.63
CA PHE A 35 -10.17 -21.72 -20.25
C PHE A 35 -9.27 -22.69 -19.50
N SER A 36 -8.67 -22.25 -18.40
CA SER A 36 -7.93 -23.14 -17.52
C SER A 36 -8.53 -23.06 -16.12
N ASN A 37 -8.63 -24.22 -15.49
CA ASN A 37 -9.30 -24.36 -14.19
C ASN A 37 -8.42 -23.94 -13.04
N GLN A 38 -7.12 -23.74 -13.29
CA GLN A 38 -6.20 -23.26 -12.29
C GLN A 38 -6.50 -21.80 -11.97
N TYR A 39 -6.79 -21.49 -10.72
CA TYR A 39 -7.12 -20.12 -10.32
C TYR A 39 -5.86 -19.32 -10.07
N LYS A 40 -5.81 -18.11 -10.66
CA LYS A 40 -4.67 -17.21 -10.55
C LYS A 40 -5.21 -15.81 -10.23
N ALA A 41 -5.21 -15.44 -8.96
CA ALA A 41 -5.78 -14.15 -8.54
C ALA A 41 -5.10 -13.00 -9.26
N THR A 42 -5.90 -12.14 -9.91
CA THR A 42 -5.33 -10.99 -10.59
C THR A 42 -5.05 -9.92 -9.54
N ILE A 43 -3.86 -9.33 -9.60
CA ILE A 43 -3.39 -8.45 -8.53
C ILE A 43 -3.50 -6.99 -8.96
N GLY A 44 -3.31 -6.74 -10.25
CA GLY A 44 -3.44 -5.40 -10.79
C GLY A 44 -4.31 -5.40 -12.02
N ALA A 45 -4.95 -4.26 -12.26
CA ALA A 45 -5.81 -4.09 -13.42
C ALA A 45 -4.99 -4.03 -14.70
N ASP A 46 -5.43 -4.78 -15.70
CA ASP A 46 -4.78 -4.84 -17.00
C ASP A 46 -5.89 -5.08 -18.03
N PHE A 47 -5.51 -5.11 -19.30
CA PHE A 47 -6.52 -5.18 -20.34
C PHE A 47 -6.09 -6.10 -21.48
N LEU A 48 -7.10 -6.58 -22.21
CA LEU A 48 -6.96 -7.20 -23.52
C LEU A 48 -7.75 -6.39 -24.55
N THR A 49 -7.47 -6.66 -25.83
CA THR A 49 -8.17 -6.01 -26.93
C THR A 49 -8.72 -7.06 -27.88
N LYS A 50 -10.00 -6.91 -28.24
CA LYS A 50 -10.59 -7.67 -29.33
C LYS A 50 -11.12 -6.68 -30.35
N GLU A 51 -10.84 -6.92 -31.63
CA GLU A 51 -11.52 -6.21 -32.69
C GLU A 51 -12.77 -6.98 -33.10
N VAL A 52 -13.88 -6.27 -33.19
CA VAL A 52 -15.11 -6.77 -33.77
C VAL A 52 -15.59 -5.77 -34.81
N MET A 53 -16.62 -6.15 -35.55
CA MET A 53 -17.23 -5.24 -36.51
C MET A 53 -18.74 -5.17 -36.32
N VAL A 54 -19.25 -3.93 -36.31
CA VAL A 54 -20.68 -3.60 -36.29
C VAL A 54 -20.97 -2.75 -37.52
N ASP A 55 -21.74 -3.31 -38.47
CA ASP A 55 -22.30 -2.56 -39.61
C ASP A 55 -21.19 -1.95 -40.47
N ASP A 56 -20.35 -2.82 -41.06
CA ASP A 56 -19.28 -2.37 -41.98
C ASP A 56 -18.18 -1.62 -41.22
N ARG A 57 -18.48 -1.17 -40.00
CA ARG A 57 -17.62 -0.30 -39.20
C ARG A 57 -16.71 -1.11 -38.27
N LEU A 58 -15.40 -0.86 -38.37
CA LEU A 58 -14.44 -1.53 -37.52
C LEU A 58 -14.40 -0.84 -36.16
N VAL A 59 -14.47 -1.65 -35.09
CA VAL A 59 -14.44 -1.13 -33.72
C VAL A 59 -13.58 -2.05 -32.87
N THR A 60 -12.92 -1.46 -31.87
CA THR A 60 -11.93 -2.15 -31.04
C THR A 60 -12.31 -2.01 -29.56
N MET A 61 -12.54 -3.14 -28.90
CA MET A 61 -12.88 -3.12 -27.49
C MET A 61 -11.61 -3.23 -26.67
N GLN A 62 -11.57 -2.50 -25.57
CA GLN A 62 -10.47 -2.59 -24.60
C GLN A 62 -11.10 -2.98 -23.28
N ILE A 63 -10.87 -4.24 -22.87
CA ILE A 63 -11.60 -4.87 -21.77
C ILE A 63 -10.67 -4.97 -20.57
N TRP A 64 -11.03 -4.30 -19.48
CA TRP A 64 -10.23 -4.26 -18.26
C TRP A 64 -10.82 -5.22 -17.24
N ASP A 65 -10.03 -6.18 -16.76
CA ASP A 65 -10.46 -6.89 -15.57
C ASP A 65 -9.67 -6.42 -14.37
N THR A 66 -10.28 -6.61 -13.21
CA THR A 66 -9.92 -5.96 -11.99
C THR A 66 -9.48 -7.00 -10.97
N ALA A 67 -8.99 -6.51 -9.83
CA ALA A 67 -8.56 -7.37 -8.72
C ALA A 67 -9.67 -7.37 -7.69
N GLY A 68 -10.55 -8.37 -7.75
CA GLY A 68 -11.71 -8.40 -6.88
C GLY A 68 -11.42 -8.79 -5.44
N LEU A 69 -10.20 -9.27 -5.17
CA LEU A 69 -9.77 -9.71 -3.84
C LEU A 69 -9.74 -8.55 -2.85
N GLU A 70 -8.56 -7.99 -2.59
CA GLU A 70 -8.48 -6.78 -1.78
C GLU A 70 -7.15 -6.08 -2.00
N ARG A 71 -6.74 -6.00 -3.26
CA ARG A 71 -5.63 -5.16 -3.70
C ARG A 71 -6.13 -3.84 -4.27
N PHE A 72 -7.12 -3.25 -3.60
CA PHE A 72 -7.63 -1.92 -3.95
C PHE A 72 -6.76 -0.82 -3.33
N GLN A 73 -6.61 -0.88 -2.01
CA GLN A 73 -6.23 0.27 -1.20
C GLN A 73 -4.85 0.79 -1.61
N SER A 74 -4.69 2.11 -1.46
CA SER A 74 -3.50 2.88 -1.86
C SER A 74 -3.38 2.97 -3.37
N LEU A 75 -4.09 2.11 -4.09
CA LEU A 75 -4.02 2.06 -5.54
C LEU A 75 -5.29 2.61 -6.16
N GLY A 76 -5.13 3.52 -7.12
CA GLY A 76 -6.25 4.22 -7.68
C GLY A 76 -6.91 3.49 -8.82
N VAL A 77 -7.81 4.20 -9.48
CA VAL A 77 -8.77 3.58 -10.39
C VAL A 77 -9.10 4.59 -11.49
N ALA A 78 -8.17 5.51 -11.74
CA ALA A 78 -8.36 6.50 -12.81
C ALA A 78 -8.77 5.86 -14.13
N PHE A 79 -8.50 4.57 -14.35
CA PHE A 79 -8.83 3.96 -15.64
C PHE A 79 -10.33 3.76 -15.85
N TYR A 80 -11.17 4.01 -14.84
CA TYR A 80 -12.61 3.97 -15.07
C TYR A 80 -13.07 5.07 -16.01
N ARG A 81 -12.37 6.21 -16.02
CA ARG A 81 -12.81 7.35 -16.82
C ARG A 81 -12.84 7.01 -18.29
N GLY A 82 -13.90 7.46 -18.95
CA GLY A 82 -14.13 7.14 -20.34
C GLY A 82 -14.70 5.76 -20.56
N ALA A 83 -15.08 5.07 -19.49
CA ALA A 83 -15.72 3.77 -19.61
C ALA A 83 -17.00 3.92 -20.40
N ASP A 84 -17.07 3.19 -21.48
CA ASP A 84 -18.26 3.20 -22.31
C ASP A 84 -19.27 2.14 -21.89
N CYS A 85 -18.83 1.12 -21.14
CA CYS A 85 -19.71 0.10 -20.58
C CYS A 85 -19.03 -0.54 -19.37
N CYS A 86 -19.84 -0.98 -18.41
CA CYS A 86 -19.36 -1.59 -17.16
C CYS A 86 -20.04 -2.95 -16.95
N VAL A 87 -19.23 -3.97 -16.68
CA VAL A 87 -19.71 -5.35 -16.57
C VAL A 87 -19.61 -5.80 -15.12
N LEU A 88 -20.70 -6.32 -14.59
CA LEU A 88 -20.75 -6.81 -13.22
C LEU A 88 -20.92 -8.33 -13.25
N VAL A 89 -19.97 -9.06 -12.68
CA VAL A 89 -19.96 -10.51 -12.70
C VAL A 89 -20.24 -11.02 -11.30
N PHE A 90 -21.24 -11.89 -11.17
CA PHE A 90 -21.43 -12.64 -9.93
C PHE A 90 -21.40 -14.15 -10.20
N ASP A 91 -21.24 -14.90 -9.12
CA ASP A 91 -21.24 -16.35 -9.12
C ASP A 91 -22.63 -16.85 -8.75
N VAL A 92 -23.26 -17.66 -9.62
CA VAL A 92 -24.62 -18.11 -9.31
C VAL A 92 -24.63 -19.10 -8.15
N THR A 93 -23.47 -19.66 -7.80
CA THR A 93 -23.35 -20.64 -6.73
C THR A 93 -22.97 -20.03 -5.38
N ALA A 94 -22.41 -18.82 -5.37
CA ALA A 94 -22.09 -18.10 -4.14
C ALA A 94 -23.05 -16.92 -3.98
N PRO A 95 -24.14 -17.05 -3.21
CA PRO A 95 -25.18 -16.01 -3.21
C PRO A 95 -24.74 -14.68 -2.62
N ASN A 96 -23.60 -14.63 -1.93
CA ASN A 96 -23.13 -13.37 -1.37
C ASN A 96 -22.66 -12.41 -2.46
N THR A 97 -22.01 -12.93 -3.52
CA THR A 97 -21.50 -12.04 -4.55
C THR A 97 -22.64 -11.41 -5.36
N PHE A 98 -23.78 -12.10 -5.49
CA PHE A 98 -24.95 -11.43 -6.04
C PHE A 98 -25.44 -10.32 -5.13
N LYS A 99 -25.21 -10.46 -3.81
CA LYS A 99 -25.63 -9.42 -2.85
C LYS A 99 -24.77 -8.17 -2.99
N THR A 100 -23.48 -8.34 -3.19
CA THR A 100 -22.58 -7.21 -3.34
C THR A 100 -22.66 -6.56 -4.72
N LEU A 101 -23.72 -6.83 -5.49
CA LEU A 101 -23.85 -6.21 -6.80
C LEU A 101 -24.10 -4.72 -6.66
N ASP A 102 -25.09 -4.33 -5.85
CA ASP A 102 -25.34 -2.92 -5.54
C ASP A 102 -24.06 -2.19 -5.17
N SER A 103 -23.21 -2.80 -4.32
CA SER A 103 -22.00 -2.15 -3.87
C SER A 103 -21.07 -1.80 -5.04
N TRP A 104 -21.07 -2.62 -6.08
CA TRP A 104 -20.11 -2.42 -7.18
C TRP A 104 -20.58 -1.34 -8.16
N ARG A 105 -21.84 -1.43 -8.59
CA ARG A 105 -22.44 -0.35 -9.38
C ARG A 105 -22.28 0.99 -8.66
N ASP A 106 -22.79 1.09 -7.43
CA ASP A 106 -22.78 2.36 -6.71
C ASP A 106 -21.39 2.97 -6.65
N GLU A 107 -20.35 2.16 -6.40
CA GLU A 107 -19.01 2.72 -6.34
C GLU A 107 -18.49 3.10 -7.72
N PHE A 108 -18.91 2.39 -8.76
CA PHE A 108 -18.39 2.65 -10.09
C PHE A 108 -18.93 3.98 -10.61
N LEU A 109 -20.24 4.20 -10.45
CA LEU A 109 -20.83 5.48 -10.78
C LEU A 109 -20.18 6.64 -10.02
N ILE A 110 -19.56 6.36 -8.88
CA ILE A 110 -18.89 7.43 -8.14
C ILE A 110 -17.44 7.63 -8.61
N GLN A 111 -16.79 6.61 -9.16
CA GLN A 111 -15.40 6.82 -9.56
C GLN A 111 -15.22 7.16 -11.02
N ALA A 112 -16.12 6.68 -11.90
CA ALA A 112 -16.07 6.99 -13.33
C ALA A 112 -16.87 8.25 -13.68
N SER A 113 -17.98 8.49 -12.97
CA SER A 113 -18.70 9.76 -12.96
C SER A 113 -19.26 10.19 -14.31
N PRO A 114 -20.08 9.39 -14.98
CA PRO A 114 -20.61 9.82 -16.29
C PRO A 114 -21.81 10.75 -16.13
N ARG A 115 -21.99 11.63 -17.11
CA ARG A 115 -23.26 12.34 -17.22
C ARG A 115 -24.40 11.33 -17.33
N ASP A 116 -25.47 11.59 -16.60
CA ASP A 116 -26.65 10.73 -16.58
C ASP A 116 -26.26 9.32 -16.14
N PRO A 117 -25.94 9.12 -14.86
CA PRO A 117 -25.40 7.82 -14.45
C PRO A 117 -26.44 6.71 -14.46
N GLU A 118 -27.73 7.03 -14.45
CA GLU A 118 -28.75 5.99 -14.39
C GLU A 118 -29.29 5.63 -15.77
N ASN A 119 -28.74 6.24 -16.82
CA ASN A 119 -28.91 5.77 -18.19
C ASN A 119 -27.58 5.28 -18.77
N PHE A 120 -26.65 4.90 -17.91
CA PHE A 120 -25.32 4.37 -18.22
C PHE A 120 -25.38 2.85 -18.34
N PRO A 121 -24.75 2.30 -19.38
CA PRO A 121 -24.89 0.88 -19.68
C PRO A 121 -24.20 0.00 -18.63
N PHE A 122 -24.98 -0.90 -18.06
CA PHE A 122 -24.45 -2.00 -17.27
C PHE A 122 -24.89 -3.30 -17.92
N VAL A 123 -24.06 -4.32 -17.74
CA VAL A 123 -24.34 -5.67 -18.20
C VAL A 123 -23.97 -6.63 -17.09
N VAL A 124 -24.92 -7.45 -16.67
CA VAL A 124 -24.77 -8.31 -15.52
C VAL A 124 -24.57 -9.74 -16.00
N LEU A 125 -23.51 -10.40 -15.51
CA LEU A 125 -23.20 -11.77 -15.88
C LEU A 125 -23.31 -12.66 -14.65
N GLY A 126 -24.25 -13.62 -14.70
CA GLY A 126 -24.27 -14.69 -13.71
C GLY A 126 -23.42 -15.87 -14.16
N ASN A 127 -22.21 -15.96 -13.64
CA ASN A 127 -21.24 -16.95 -14.08
C ASN A 127 -21.39 -18.27 -13.33
N LYS A 128 -20.92 -19.34 -13.99
CA LYS A 128 -20.77 -20.70 -13.48
C LYS A 128 -22.07 -21.49 -13.51
N ILE A 129 -22.92 -21.27 -14.51
CA ILE A 129 -24.17 -22.02 -14.63
C ILE A 129 -23.95 -23.50 -14.93
N ASP A 130 -22.71 -23.92 -15.20
CA ASP A 130 -22.42 -25.33 -15.49
C ASP A 130 -22.31 -26.18 -14.23
N LEU A 131 -22.08 -25.56 -13.07
CA LEU A 131 -22.04 -26.27 -11.80
C LEU A 131 -23.47 -26.52 -11.31
N GLU A 132 -23.59 -27.41 -10.31
CA GLU A 132 -24.91 -27.88 -9.89
C GLU A 132 -25.38 -27.31 -8.55
N ASN A 133 -24.50 -26.68 -7.77
CA ASN A 133 -24.97 -25.99 -6.57
C ASN A 133 -25.34 -24.53 -6.86
N ARG A 134 -26.23 -24.34 -7.84
CA ARG A 134 -26.70 -23.01 -8.17
C ARG A 134 -27.74 -22.52 -7.16
N GLN A 135 -27.47 -21.36 -6.54
CA GLN A 135 -28.28 -20.83 -5.46
C GLN A 135 -29.18 -19.68 -5.92
N VAL A 136 -28.63 -18.73 -6.66
CA VAL A 136 -29.39 -17.54 -7.05
C VAL A 136 -30.30 -17.88 -8.23
N ALA A 137 -31.58 -17.58 -8.09
CA ALA A 137 -32.54 -17.95 -9.13
C ALA A 137 -32.49 -16.97 -10.28
N THR A 138 -32.73 -17.50 -11.49
CA THR A 138 -32.70 -16.65 -12.67
C THR A 138 -33.77 -15.56 -12.62
N LYS A 139 -34.99 -15.90 -12.21
CA LYS A 139 -36.04 -14.89 -12.11
C LYS A 139 -35.79 -13.93 -10.94
N ARG A 140 -34.88 -14.24 -10.03
CA ARG A 140 -34.51 -13.28 -9.00
C ARG A 140 -33.51 -12.27 -9.54
N ALA A 141 -32.49 -12.74 -10.24
CA ALA A 141 -31.50 -11.82 -10.80
C ALA A 141 -32.10 -11.04 -11.97
N GLN A 142 -32.97 -11.66 -12.78
CA GLN A 142 -33.63 -10.90 -13.85
C GLN A 142 -34.40 -9.73 -13.27
N ALA A 143 -35.03 -9.92 -12.10
CA ALA A 143 -35.80 -8.84 -11.49
C ALA A 143 -34.88 -7.71 -11.01
N TRP A 144 -33.76 -8.06 -10.36
CA TRP A 144 -32.84 -7.04 -9.87
C TRP A 144 -32.34 -6.13 -11.00
N CYS A 145 -32.04 -6.71 -12.16
CA CYS A 145 -31.59 -5.91 -13.29
C CYS A 145 -32.72 -5.09 -13.89
N TYR A 146 -33.95 -5.62 -13.87
CA TYR A 146 -35.11 -4.82 -14.25
C TYR A 146 -35.27 -3.63 -13.34
N SER A 147 -34.89 -3.77 -12.06
CA SER A 147 -34.99 -2.64 -11.14
C SER A 147 -34.10 -1.48 -11.59
N LYS A 148 -32.89 -1.77 -12.07
CA LYS A 148 -31.90 -0.71 -12.32
C LYS A 148 -31.91 -0.26 -13.78
N ASN A 149 -33.02 0.33 -14.21
CA ASN A 149 -33.14 0.92 -15.54
C ASN A 149 -32.88 -0.13 -16.61
N ASN A 150 -33.38 -1.34 -16.35
CA ASN A 150 -33.59 -2.34 -17.38
C ASN A 150 -32.25 -2.78 -18.00
N ILE A 151 -31.38 -3.34 -17.17
CA ILE A 151 -30.04 -3.64 -17.68
C ILE A 151 -29.89 -5.12 -18.01
N PRO A 152 -29.15 -5.46 -19.08
CA PRO A 152 -29.12 -6.84 -19.59
C PRO A 152 -28.53 -7.86 -18.61
N TYR A 153 -29.10 -9.06 -18.64
CA TYR A 153 -28.69 -10.13 -17.75
C TYR A 153 -28.35 -11.38 -18.55
N PHE A 154 -27.19 -11.95 -18.27
CA PHE A 154 -26.74 -13.16 -18.96
C PHE A 154 -26.25 -14.16 -17.94
N GLU A 155 -26.79 -15.38 -18.03
CA GLU A 155 -26.27 -16.53 -17.28
C GLU A 155 -25.22 -17.21 -18.15
N THR A 156 -23.99 -17.24 -17.67
CA THR A 156 -22.84 -17.61 -18.49
C THR A 156 -21.99 -18.68 -17.80
N SER A 157 -21.13 -19.30 -18.60
CA SER A 157 -20.13 -20.22 -18.11
C SER A 157 -18.86 -19.96 -18.90
N ALA A 158 -17.82 -19.47 -18.23
CA ALA A 158 -16.53 -19.39 -18.93
C ALA A 158 -16.03 -20.78 -19.28
N LYS A 159 -16.35 -21.76 -18.43
CA LYS A 159 -15.94 -23.15 -18.64
C LYS A 159 -16.43 -23.69 -19.97
N GLU A 160 -17.74 -23.59 -20.21
CA GLU A 160 -18.39 -24.29 -21.32
C GLU A 160 -18.76 -23.37 -22.48
N ALA A 161 -18.29 -22.12 -22.46
CA ALA A 161 -18.63 -21.10 -23.45
C ALA A 161 -20.14 -20.98 -23.64
N ILE A 162 -20.83 -20.74 -22.53
CA ILE A 162 -22.27 -20.60 -22.52
C ILE A 162 -22.60 -19.12 -22.38
N ASN A 163 -23.15 -18.54 -23.45
CA ASN A 163 -23.60 -17.14 -23.50
C ASN A 163 -22.47 -16.15 -23.33
N VAL A 164 -21.22 -16.60 -23.51
CA VAL A 164 -20.12 -15.66 -23.41
C VAL A 164 -20.07 -14.76 -24.64
N GLU A 165 -20.09 -15.37 -25.83
CA GLU A 165 -20.09 -14.53 -27.03
C GLU A 165 -21.33 -13.66 -27.08
N GLN A 166 -22.45 -14.16 -26.54
CA GLN A 166 -23.67 -13.36 -26.51
C GLN A 166 -23.47 -12.11 -25.68
N ALA A 167 -22.92 -12.29 -24.47
CA ALA A 167 -22.78 -11.19 -23.51
C ALA A 167 -21.84 -10.10 -24.02
N PHE A 168 -20.65 -10.50 -24.48
CA PHE A 168 -19.71 -9.48 -24.91
C PHE A 168 -20.09 -8.83 -26.24
N GLN A 169 -21.05 -9.38 -26.98
CA GLN A 169 -21.60 -8.70 -28.15
C GLN A 169 -22.62 -7.65 -27.72
N THR A 170 -23.42 -7.98 -26.71
CA THR A 170 -24.27 -6.97 -26.08
C THR A 170 -23.45 -5.85 -25.46
N ILE A 171 -22.34 -6.19 -24.78
CA ILE A 171 -21.46 -5.17 -24.19
C ILE A 171 -20.91 -4.26 -25.28
N ALA A 172 -20.43 -4.85 -26.37
CA ALA A 172 -19.95 -4.07 -27.51
C ALA A 172 -21.06 -3.17 -28.06
N ARG A 173 -22.22 -3.75 -28.35
CA ARG A 173 -23.35 -2.97 -28.86
C ARG A 173 -23.67 -1.79 -27.94
N ASN A 174 -23.79 -2.05 -26.64
CA ASN A 174 -24.20 -1.01 -25.69
C ASN A 174 -23.11 0.02 -25.48
N ALA A 175 -21.86 -0.42 -25.35
CA ALA A 175 -20.74 0.52 -25.33
C ALA A 175 -20.74 1.42 -26.56
N LEU A 176 -20.80 0.82 -27.76
CA LEU A 176 -20.86 1.59 -29.00
C LEU A 176 -21.90 2.70 -28.95
N LYS A 177 -23.12 2.36 -28.53
CA LYS A 177 -24.10 3.41 -28.30
C LYS A 177 -23.58 4.46 -27.33
N GLN A 178 -23.08 4.04 -26.15
CA GLN A 178 -22.64 5.01 -25.14
C GLN A 178 -21.53 5.92 -25.63
N GLU A 179 -20.55 5.36 -26.35
CA GLU A 179 -19.42 6.14 -26.89
C GLU A 179 -19.87 7.23 -27.85
N THR A 180 -20.81 6.93 -28.73
CA THR A 180 -21.19 7.93 -29.72
C THR A 180 -21.98 9.10 -29.14
N GLU A 181 -22.26 9.17 -27.83
CA GLU A 181 -23.13 10.22 -27.27
C GLU A 181 -22.37 11.31 -26.54
N VAL A 182 -21.43 10.95 -25.67
CA VAL A 182 -20.73 12.01 -24.96
C VAL A 182 -19.70 12.65 -25.87
N GLU A 183 -19.73 12.30 -27.17
CA GLU A 183 -19.26 13.15 -28.25
C GLU A 183 -20.32 14.16 -28.69
N LEU A 184 -21.58 13.98 -28.30
CA LEU A 184 -22.65 14.93 -28.60
C LEU A 184 -22.77 15.95 -27.47
N ASN B 2 52.60 4.48 45.51
CA ASN B 2 51.59 5.36 44.90
C ASN B 2 50.22 4.68 44.76
N ALA B 3 49.69 4.18 45.87
CA ALA B 3 48.37 3.56 45.88
C ALA B 3 47.28 4.59 45.55
N GLN B 4 46.24 4.15 44.84
CA GLN B 4 45.06 5.00 44.67
C GLN B 4 44.23 5.02 45.95
N ILE B 5 43.38 6.04 46.07
CA ILE B 5 42.47 6.20 47.21
C ILE B 5 41.06 5.94 46.67
N ILE B 6 40.42 4.86 47.14
CA ILE B 6 39.15 4.47 46.54
C ILE B 6 38.10 4.19 47.62
N PHE B 7 38.49 3.58 48.74
CA PHE B 7 37.56 3.44 49.85
C PHE B 7 36.98 4.81 50.22
N ASN B 8 35.69 4.82 50.52
CA ASN B 8 34.99 6.07 50.76
C ASN B 8 33.76 5.78 51.60
N VAL B 9 33.72 6.37 52.80
CA VAL B 9 32.55 6.27 53.66
C VAL B 9 31.38 7.04 53.05
N HIS B 10 31.68 8.10 52.29
CA HIS B 10 30.67 8.96 51.68
C HIS B 10 30.86 8.93 50.18
N PRO B 11 30.45 7.86 49.50
CA PRO B 11 30.45 7.86 48.04
C PRO B 11 29.42 8.83 47.49
N ALA B 12 29.52 9.09 46.19
CA ALA B 12 28.58 10.00 45.55
C ALA B 12 27.16 9.45 45.69
N PRO B 13 26.21 10.23 46.21
CA PRO B 13 24.89 9.65 46.56
C PRO B 13 24.11 9.11 45.36
N THR B 14 24.32 9.68 44.17
CA THR B 14 23.60 9.21 42.97
C THR B 14 24.14 7.84 42.53
N ARG B 15 25.46 7.64 42.63
CA ARG B 15 26.04 6.35 42.34
C ARG B 15 25.67 5.30 43.40
N LYS B 16 25.68 5.70 44.67
CA LYS B 16 25.28 4.75 45.71
C LYS B 16 23.86 4.26 45.47
N ILE B 17 23.00 5.14 44.96
CA ILE B 17 21.62 4.77 44.64
C ILE B 17 21.58 3.77 43.49
N ALA B 18 22.42 3.97 42.47
CA ALA B 18 22.44 3.10 41.30
C ALA B 18 23.08 1.75 41.61
N VAL B 19 24.29 1.76 42.16
CA VAL B 19 24.92 0.48 42.48
C VAL B 19 24.01 -0.32 43.40
N ALA B 20 23.38 0.34 44.39
CA ALA B 20 22.58 -0.42 45.33
C ALA B 20 21.29 -0.93 44.69
N LYS B 21 20.82 -0.26 43.65
CA LYS B 21 19.65 -0.73 42.92
C LYS B 21 19.93 -2.08 42.26
N GLN B 22 21.19 -2.36 41.92
CA GLN B 22 21.57 -3.65 41.36
C GLN B 22 22.34 -4.48 42.36
N ASN B 23 21.87 -4.44 43.60
CA ASN B 23 22.36 -5.27 44.70
C ASN B 23 23.88 -5.38 44.69
N TYR B 24 24.51 -4.26 44.40
CA TYR B 24 25.96 -4.11 44.42
C TYR B 24 26.63 -5.14 43.54
N ARG B 25 25.94 -5.59 42.49
CA ARG B 25 26.43 -6.65 41.61
C ARG B 25 26.79 -6.07 40.26
N CYS B 26 27.98 -6.42 39.76
CA CYS B 26 28.37 -5.99 38.42
C CYS B 26 27.33 -6.45 37.42
N ALA B 27 26.91 -5.54 36.53
CA ALA B 27 25.84 -5.86 35.60
C ALA B 27 26.26 -6.87 34.54
N GLY B 28 27.55 -7.18 34.41
CA GLY B 28 27.97 -8.07 33.35
C GLY B 28 28.40 -9.48 33.74
N CYS B 29 28.95 -9.60 34.95
CA CYS B 29 29.47 -10.86 35.48
C CYS B 29 28.79 -11.25 36.77
N GLY B 30 27.98 -10.35 37.35
CA GLY B 30 27.31 -10.50 38.63
C GLY B 30 28.19 -10.49 39.86
N ILE B 31 29.46 -10.09 39.75
CA ILE B 31 30.32 -10.08 40.94
C ILE B 31 29.77 -9.08 41.95
N ARG B 32 29.77 -9.48 43.21
CA ARG B 32 29.27 -8.66 44.30
C ARG B 32 30.41 -7.79 44.83
N THR B 33 30.22 -6.48 44.78
CA THR B 33 31.27 -5.51 45.03
C THR B 33 31.14 -4.87 46.40
N ASP B 34 32.28 -4.54 46.98
CA ASP B 34 32.33 -3.83 48.25
C ASP B 34 31.55 -2.52 48.14
N PRO B 35 30.52 -2.31 48.96
CA PRO B 35 29.82 -1.01 48.96
C PRO B 35 30.73 0.19 49.28
N ASP B 36 31.82 -0.01 50.00
CA ASP B 36 32.75 1.06 50.31
C ASP B 36 33.73 1.35 49.17
N TYR B 37 33.61 0.66 48.02
CA TYR B 37 34.57 0.82 46.93
C TYR B 37 33.92 1.14 45.59
N ILE B 38 32.65 1.55 45.56
CA ILE B 38 31.92 1.68 44.29
C ILE B 38 32.49 2.72 43.35
N LYS B 39 33.48 3.52 43.76
CA LYS B 39 34.11 4.46 42.83
C LYS B 39 34.86 3.71 41.73
N ARG B 40 35.23 2.45 42.00
CA ARG B 40 35.94 1.60 41.05
C ARG B 40 35.10 1.26 39.82
N LEU B 41 33.78 1.22 39.96
CA LEU B 41 32.88 0.82 38.90
C LEU B 41 32.75 1.90 37.82
N ARG B 42 32.37 1.46 36.62
CA ARG B 42 32.18 2.34 35.48
C ARG B 42 30.75 2.25 34.93
N TYR B 43 30.19 3.41 34.56
CA TYR B 43 28.83 3.52 34.05
C TYR B 43 28.81 3.28 32.56
N CYS B 44 27.96 2.33 32.15
CA CYS B 44 27.73 2.00 30.76
C CYS B 44 26.63 2.91 30.25
N GLU B 45 26.98 3.85 29.37
CA GLU B 45 26.00 4.86 28.98
C GLU B 45 24.89 4.31 28.12
N TYR B 46 25.01 3.06 27.65
CA TYR B 46 23.95 2.46 26.85
C TYR B 46 23.01 1.60 27.69
N LEU B 47 23.55 0.68 28.48
CA LEU B 47 22.69 -0.17 29.29
C LEU B 47 22.17 0.54 30.53
N GLY B 48 22.76 1.67 30.91
CA GLY B 48 22.37 2.40 32.09
C GLY B 48 22.73 1.79 33.43
N LYS B 49 23.66 0.83 33.47
CA LYS B 49 24.00 0.16 34.71
C LYS B 49 25.51 0.23 34.94
N TYR B 50 25.94 -0.12 36.15
CA TYR B 50 27.35 -0.08 36.52
C TYR B 50 28.00 -1.46 36.36
N PHE B 51 29.31 -1.44 36.11
CA PHE B 51 30.10 -2.61 35.75
C PHE B 51 31.44 -2.55 36.47
N CYS B 52 31.97 -3.73 36.80
CA CYS B 52 33.37 -3.89 37.24
C CYS B 52 34.35 -3.54 36.11
N GLN B 53 35.59 -3.23 36.49
CA GLN B 53 36.58 -2.81 35.49
C GLN B 53 37.04 -3.95 34.57
N CYS B 54 36.60 -5.18 34.79
CA CYS B 54 36.88 -6.22 33.81
C CYS B 54 35.84 -6.27 32.70
N CYS B 55 34.56 -6.31 33.05
CA CYS B 55 33.46 -6.27 32.09
C CYS B 55 33.36 -4.94 31.31
N HIS B 56 33.86 -3.85 31.87
CA HIS B 56 33.78 -2.53 31.25
C HIS B 56 35.19 -1.96 31.22
N GLU B 57 35.73 -1.73 30.02
CA GLU B 57 37.11 -1.32 29.80
C GLU B 57 37.18 0.01 29.05
N ASN B 58 36.14 0.83 29.14
CA ASN B 58 36.11 2.17 28.53
C ASN B 58 36.14 2.11 27.01
N ALA B 59 35.44 1.13 26.43
CA ALA B 59 35.15 1.18 25.00
C ALA B 59 34.16 2.31 24.72
N GLN B 60 34.29 2.95 23.58
CA GLN B 60 33.45 4.09 23.24
C GLN B 60 32.52 3.75 22.08
N MET B 61 31.34 4.37 22.08
CA MET B 61 30.27 3.98 21.17
C MET B 61 29.19 5.06 21.16
N ALA B 62 28.66 5.37 19.98
CA ALA B 62 27.49 6.24 19.95
C ALA B 62 26.31 5.48 20.56
N ILE B 63 25.31 6.23 21.03
CA ILE B 63 24.27 5.68 21.90
C ILE B 63 22.93 5.86 21.20
N PRO B 64 22.12 4.78 21.05
CA PRO B 64 20.84 4.90 20.34
C PRO B 64 19.95 6.03 20.84
N SER B 65 19.63 6.03 22.13
CA SER B 65 18.79 7.06 22.74
C SER B 65 19.34 8.47 22.50
N ARG B 66 20.66 8.60 22.56
CA ARG B 66 21.29 9.90 22.35
C ARG B 66 21.34 10.28 20.87
N VAL B 67 21.01 9.37 19.95
CA VAL B 67 20.90 9.71 18.53
C VAL B 67 19.45 10.07 18.23
N LEU B 68 18.51 9.49 18.97
CA LEU B 68 17.10 9.67 18.70
C LEU B 68 16.45 10.80 19.50
N ARG B 69 17.13 11.34 20.53
CA ARG B 69 16.61 12.47 21.29
C ARG B 69 17.21 13.81 20.86
N LYS B 70 18.53 13.91 20.75
CA LYS B 70 19.22 14.92 19.96
C LYS B 70 19.95 14.19 18.84
N TRP B 71 20.55 14.91 17.92
CA TRP B 71 21.20 14.26 16.77
C TRP B 71 22.67 13.96 17.08
N ASP B 72 22.87 13.28 18.21
CA ASP B 72 24.15 13.22 18.91
C ASP B 72 24.83 11.88 18.64
N PHE B 73 25.86 11.91 17.81
CA PHE B 73 26.62 10.75 17.40
C PHE B 73 27.93 10.60 18.15
N SER B 74 28.21 11.46 19.11
CA SER B 74 29.47 11.39 19.83
C SER B 74 29.52 10.12 20.67
N LYS B 75 30.71 9.55 20.76
CA LYS B 75 30.89 8.27 21.43
C LYS B 75 30.92 8.45 22.95
N TYR B 76 30.41 7.45 23.64
CA TYR B 76 30.30 7.45 25.09
C TYR B 76 30.86 6.14 25.63
N TYR B 77 31.28 6.17 26.88
CA TYR B 77 31.88 4.99 27.49
C TYR B 77 30.83 3.90 27.66
N VAL B 78 31.04 2.76 27.00
CA VAL B 78 30.11 1.63 27.09
C VAL B 78 30.82 0.38 27.62
N SER B 79 30.08 -0.40 28.38
CA SER B 79 30.50 -1.74 28.77
C SER B 79 30.82 -2.59 27.55
N ASN B 80 31.71 -3.58 27.76
CA ASN B 80 32.07 -4.53 26.72
C ASN B 80 30.84 -5.21 26.14
N PHE B 81 29.94 -5.69 26.99
CA PHE B 81 28.69 -6.30 26.52
C PHE B 81 27.91 -5.36 25.60
N SER B 82 27.82 -4.07 25.94
CA SER B 82 27.07 -3.14 25.10
C SER B 82 27.81 -2.83 23.79
N LYS B 83 29.13 -2.69 23.82
CA LYS B 83 29.81 -2.44 22.55
C LYS B 83 29.59 -3.61 21.61
N ASP B 84 29.73 -4.83 22.15
CA ASP B 84 29.49 -6.05 21.38
C ASP B 84 28.08 -6.08 20.80
N LEU B 85 27.08 -5.72 21.60
CA LEU B 85 25.70 -5.89 21.15
C LEU B 85 25.30 -4.81 20.17
N LEU B 86 25.71 -3.57 20.43
CA LEU B 86 25.45 -2.51 19.47
C LEU B 86 26.09 -2.83 18.12
N ILE B 87 27.29 -3.40 18.12
CA ILE B 87 27.93 -3.74 16.84
C ILE B 87 27.12 -4.80 16.13
N LYS B 88 26.57 -5.75 16.89
CA LYS B 88 25.80 -6.82 16.31
C LYS B 88 24.56 -6.27 15.58
N ILE B 89 23.80 -5.38 16.22
CA ILE B 89 22.51 -4.92 15.67
C ILE B 89 22.65 -3.69 14.79
N TRP B 90 23.85 -3.46 14.25
CA TRP B 90 24.11 -2.24 13.49
C TRP B 90 23.12 -2.09 12.33
N ASN B 91 22.96 -3.15 11.53
CA ASN B 91 22.12 -3.10 10.34
C ASN B 91 20.69 -3.58 10.58
N ASP B 92 20.32 -3.85 11.84
CA ASP B 92 18.96 -4.29 12.19
C ASP B 92 17.99 -3.13 12.27
N PRO B 93 16.83 -3.19 11.59
CA PRO B 93 15.84 -2.10 11.64
C PRO B 93 15.01 -2.11 12.92
N LEU B 94 15.59 -1.56 13.99
CA LEU B 94 15.00 -1.66 15.31
C LEU B 94 14.38 -0.37 15.83
N PHE B 95 14.77 0.79 15.30
CA PHE B 95 14.46 2.08 15.94
C PHE B 95 13.37 2.79 15.14
N ASN B 96 12.23 3.05 15.81
CA ASN B 96 11.05 3.67 15.20
C ASN B 96 11.01 5.14 15.61
N VAL B 97 11.46 6.03 14.70
CA VAL B 97 11.65 7.44 15.03
C VAL B 97 10.33 8.09 15.46
N GLN B 98 9.23 7.80 14.76
CA GLN B 98 7.96 8.41 15.12
C GLN B 98 7.46 7.92 16.48
N ASP B 99 7.71 6.65 16.81
CA ASP B 99 7.25 6.08 18.08
C ASP B 99 8.12 6.50 19.26
N ILE B 100 9.39 6.81 19.02
CA ILE B 100 10.35 7.15 20.07
C ILE B 100 10.37 8.66 20.25
N ASN B 101 10.68 9.39 19.17
CA ASN B 101 10.68 10.86 19.24
C ASN B 101 10.32 11.44 17.88
N SER B 102 9.06 11.89 17.74
CA SER B 102 8.62 12.43 16.46
C SER B 102 9.22 13.81 16.19
N ALA B 103 9.56 14.55 17.25
CA ALA B 103 10.11 15.90 17.11
C ALA B 103 11.43 15.93 16.34
N LEU B 104 12.17 14.82 16.32
CA LEU B 104 13.47 14.79 15.65
C LEU B 104 13.32 15.04 14.14
N TYR B 105 12.16 14.69 13.58
CA TYR B 105 11.90 14.88 12.16
C TYR B 105 11.93 16.36 11.74
N ARG B 106 11.71 17.28 12.68
CA ARG B 106 11.78 18.71 12.38
C ARG B 106 13.11 19.34 12.76
N LYS B 107 13.93 18.69 13.57
CA LYS B 107 15.25 19.23 13.89
C LYS B 107 16.32 18.81 12.89
N VAL B 108 16.20 17.63 12.27
CA VAL B 108 17.18 17.17 11.27
C VAL B 108 16.53 17.27 9.89
N LYS B 109 17.17 18.04 9.02
CA LYS B 109 16.63 18.16 7.67
C LYS B 109 16.97 16.93 6.84
N LEU B 110 18.22 16.48 6.95
CA LEU B 110 18.66 15.32 6.19
C LEU B 110 17.85 14.08 6.57
N LEU B 111 17.30 14.04 7.78
CA LEU B 111 16.44 12.93 8.17
C LEU B 111 15.02 13.09 7.61
N ASN B 112 14.45 14.29 7.71
CA ASN B 112 13.13 14.51 7.09
C ASN B 112 13.19 14.22 5.60
N GLN B 113 14.32 14.53 4.96
CA GLN B 113 14.44 14.25 3.54
C GLN B 113 14.30 12.75 3.26
N VAL B 114 14.94 11.90 4.07
CA VAL B 114 14.79 10.47 3.80
C VAL B 114 13.42 9.97 4.24
N ARG B 115 12.85 10.53 5.30
CA ARG B 115 11.45 10.22 5.62
C ARG B 115 10.56 10.49 4.42
N LEU B 116 10.69 11.67 3.83
CA LEU B 116 9.91 11.99 2.64
C LEU B 116 10.28 11.06 1.49
N LEU B 117 11.57 10.91 1.20
CA LEU B 117 11.97 9.97 0.16
C LEU B 117 11.39 8.57 0.42
N ARG B 118 11.38 8.15 1.68
CA ARG B 118 10.84 6.83 1.99
C ARG B 118 9.33 6.75 1.84
N VAL B 119 8.61 7.87 2.06
CA VAL B 119 7.17 7.84 1.86
C VAL B 119 6.85 7.59 0.39
N GLN B 120 7.56 8.30 -0.51
CA GLN B 120 7.38 8.10 -1.94
C GLN B 120 7.70 6.66 -2.34
N LEU B 121 8.84 6.13 -1.85
CA LEU B 121 9.29 4.80 -2.25
C LEU B 121 8.28 3.72 -1.86
N CYS B 122 7.59 3.89 -0.72
CA CYS B 122 6.58 2.92 -0.31
C CYS B 122 5.34 2.93 -1.19
N HIS B 123 4.99 4.09 -1.76
CA HIS B 123 3.89 4.14 -2.70
C HIS B 123 4.33 3.64 -4.06
N MET B 124 5.54 4.01 -4.48
CA MET B 124 6.03 3.48 -5.76
C MET B 124 6.14 1.94 -5.71
N LYS B 125 6.52 1.39 -4.55
CA LYS B 125 6.69 -0.06 -4.44
C LYS B 125 5.35 -0.77 -4.59
N ASN B 126 4.30 -0.24 -3.96
CA ASN B 126 2.97 -0.86 -4.05
C ASN B 126 2.45 -0.88 -5.47
N MET B 127 2.77 0.15 -6.25
CA MET B 127 2.37 0.18 -7.64
C MET B 127 3.21 -0.76 -8.49
N PHE B 128 4.51 -0.82 -8.24
CA PHE B 128 5.37 -1.72 -9.02
C PHE B 128 5.14 -3.19 -8.68
N LYS B 129 4.58 -3.48 -7.50
CA LYS B 129 4.18 -4.85 -7.21
C LYS B 129 3.04 -5.33 -8.09
N THR B 130 2.24 -4.42 -8.65
CA THR B 130 1.06 -4.79 -9.41
C THR B 130 1.15 -4.39 -10.89
N CYS B 131 2.32 -3.96 -11.34
CA CYS B 131 2.56 -3.59 -12.74
C CYS B 131 3.58 -4.56 -13.33
N ARG B 132 3.12 -5.43 -14.22
CA ARG B 132 3.97 -6.50 -14.72
C ARG B 132 5.11 -5.97 -15.59
N LEU B 133 5.07 -4.69 -15.98
CA LEU B 133 6.12 -4.12 -16.82
C LEU B 133 7.22 -3.47 -16.02
N ALA B 134 7.01 -3.22 -14.74
CA ALA B 134 8.02 -2.59 -13.89
C ALA B 134 8.71 -3.61 -12.99
N LYS B 135 9.21 -4.73 -13.53
CA LYS B 135 9.81 -5.71 -12.64
C LYS B 135 11.34 -5.62 -12.56
N GLU B 136 11.98 -4.91 -13.50
CA GLU B 136 13.37 -4.57 -13.26
C GLU B 136 13.51 -3.36 -12.35
N LEU B 137 12.45 -2.55 -12.21
CA LEU B 137 12.47 -1.45 -11.24
C LEU B 137 12.26 -1.95 -9.82
N LEU B 138 11.54 -3.05 -9.64
CA LEU B 138 11.39 -3.66 -8.33
C LEU B 138 12.71 -4.25 -7.86
N ASP B 139 13.51 -4.75 -8.79
CA ASP B 139 14.81 -5.31 -8.43
C ASP B 139 15.76 -4.21 -7.98
N SER B 140 15.66 -3.02 -8.58
CA SER B 140 16.49 -1.89 -8.13
C SER B 140 16.07 -1.39 -6.77
N PHE B 141 14.81 -1.64 -6.36
CA PHE B 141 14.36 -1.22 -5.05
C PHE B 141 15.00 -2.03 -3.93
N ASP B 142 15.67 -3.13 -4.26
CA ASP B 142 16.31 -3.97 -3.27
C ASP B 142 17.83 -3.84 -3.31
N THR B 143 18.36 -2.87 -4.05
CA THR B 143 19.74 -2.47 -3.83
C THR B 143 19.93 -1.70 -2.54
N VAL B 144 18.84 -1.35 -1.86
CA VAL B 144 18.89 -0.71 -0.56
C VAL B 144 18.24 -1.65 0.44
N PRO B 145 18.45 -1.50 1.75
CA PRO B 145 17.87 -2.43 2.73
C PRO B 145 16.37 -2.63 2.51
N GLY B 146 15.87 -3.79 2.92
CA GLY B 146 14.49 -4.11 2.64
C GLY B 146 13.51 -3.15 3.27
N HIS B 147 13.82 -2.67 4.49
CA HIS B 147 12.85 -1.95 5.30
C HIS B 147 12.70 -0.49 4.91
N LEU B 148 13.63 0.03 4.11
CA LEU B 148 13.56 1.44 3.75
C LEU B 148 12.38 1.72 2.82
N THR B 149 11.98 0.73 2.04
CA THR B 149 10.91 0.92 1.07
C THR B 149 9.63 0.19 1.44
N GLU B 150 9.62 -0.63 2.49
CA GLU B 150 8.37 -1.21 2.92
C GLU B 150 7.85 -0.61 4.22
N ASP B 151 8.71 0.06 5.00
CA ASP B 151 8.25 0.82 6.15
C ASP B 151 8.78 2.24 6.07
N LEU B 152 8.20 3.11 6.89
CA LEU B 152 8.50 4.53 6.82
C LEU B 152 9.27 5.06 8.01
N HIS B 153 9.12 4.45 9.18
CA HIS B 153 9.63 5.03 10.42
C HIS B 153 10.67 4.16 11.12
N LEU B 154 11.08 3.05 10.51
CA LEU B 154 12.06 2.17 11.11
C LEU B 154 13.42 2.47 10.51
N TYR B 155 14.39 2.74 11.37
CA TYR B 155 15.77 2.90 10.95
C TYR B 155 16.66 1.96 11.74
N SER B 156 17.76 1.56 11.13
CA SER B 156 18.87 0.94 11.85
C SER B 156 19.91 2.01 12.14
N LEU B 157 20.86 1.66 13.02
CA LEU B 157 21.97 2.56 13.31
C LEU B 157 22.75 2.90 12.04
N ASN B 158 22.85 1.94 11.12
CA ASN B 158 23.50 2.17 9.83
C ASN B 158 22.79 3.29 9.05
N ASP B 159 21.46 3.23 8.99
CA ASP B 159 20.70 4.22 8.24
C ASP B 159 20.81 5.59 8.89
N LEU B 160 20.76 5.63 10.23
CA LEU B 160 20.85 6.92 10.91
C LEU B 160 22.20 7.57 10.65
N THR B 161 23.27 6.78 10.68
CA THR B 161 24.59 7.34 10.39
C THR B 161 24.69 7.74 8.92
N ALA B 162 24.37 6.82 8.01
CA ALA B 162 24.38 7.11 6.58
C ALA B 162 23.56 8.34 6.23
N THR B 163 22.48 8.61 6.98
CA THR B 163 21.73 9.86 6.84
C THR B 163 22.56 11.07 7.31
N ARG B 164 23.25 10.98 8.44
CA ARG B 164 24.07 12.11 8.89
C ARG B 164 25.24 12.33 7.95
N LYS B 165 25.89 11.27 7.49
CA LYS B 165 26.89 11.44 6.45
C LYS B 165 26.29 11.93 5.14
N GLY B 166 24.96 12.07 5.05
CA GLY B 166 24.29 12.64 3.90
C GLY B 166 24.33 11.78 2.66
N GLU B 167 24.52 10.46 2.79
CA GLU B 167 24.59 9.56 1.64
C GLU B 167 23.31 8.75 1.42
N LEU B 168 22.42 8.67 2.42
CA LEU B 168 21.24 7.80 2.26
C LEU B 168 20.17 8.45 1.37
N GLY B 169 19.94 9.76 1.51
CA GLY B 169 19.13 10.51 0.59
C GLY B 169 19.52 10.30 -0.88
N PRO B 170 20.81 10.51 -1.19
CA PRO B 170 21.27 10.30 -2.59
C PRO B 170 20.94 8.94 -3.17
N ARG B 171 21.17 7.85 -2.42
CA ARG B 171 20.82 6.53 -2.94
C ARG B 171 19.32 6.37 -3.08
N LEU B 172 18.54 7.10 -2.29
CA LEU B 172 17.09 7.04 -2.36
C LEU B 172 16.51 8.00 -3.38
N ALA B 173 17.13 9.19 -3.54
CA ALA B 173 16.70 10.10 -4.59
C ALA B 173 16.90 9.47 -5.97
N GLU B 174 18.00 8.73 -6.15
CA GLU B 174 18.22 7.99 -7.39
C GLU B 174 17.06 7.03 -7.70
N LEU B 175 16.37 6.54 -6.66
CA LEU B 175 15.28 5.58 -6.85
C LEU B 175 13.92 6.23 -6.99
N THR B 176 13.65 7.34 -6.30
CA THR B 176 12.38 8.03 -6.47
C THR B 176 12.30 8.81 -7.78
N ARG B 177 13.39 8.82 -8.57
CA ARG B 177 13.41 9.36 -9.92
C ARG B 177 13.16 8.29 -10.95
N ALA B 178 13.94 7.22 -10.93
CA ALA B 178 13.66 6.08 -11.81
C ALA B 178 12.20 5.66 -11.70
N GLY B 179 11.64 5.67 -10.50
CA GLY B 179 10.25 5.31 -10.33
C GLY B 179 9.31 6.37 -10.89
N ALA B 180 9.63 7.64 -10.66
CA ALA B 180 8.75 8.70 -11.13
C ALA B 180 8.70 8.76 -12.65
N THR B 181 9.78 8.35 -13.34
CA THR B 181 9.73 8.35 -14.80
C THR B 181 9.07 7.11 -15.35
N HIS B 182 9.16 5.96 -14.67
CA HIS B 182 8.39 4.80 -15.11
C HIS B 182 6.89 5.10 -15.11
N VAL B 183 6.41 5.75 -14.05
CA VAL B 183 4.98 6.06 -13.94
C VAL B 183 4.56 7.11 -14.96
N GLU B 184 5.46 8.05 -15.29
CA GLU B 184 5.12 9.03 -16.32
C GLU B 184 4.99 8.38 -17.69
N ARG B 185 5.75 7.31 -17.94
CA ARG B 185 5.86 6.69 -19.25
C ARG B 185 5.14 5.36 -19.39
N CYS B 186 4.76 4.71 -18.28
CA CYS B 186 4.09 3.41 -18.31
C CYS B 186 2.67 3.61 -17.77
N MET B 187 1.68 3.46 -18.64
CA MET B 187 0.32 3.82 -18.29
C MET B 187 -0.52 2.61 -17.91
N LEU B 188 0.13 1.48 -17.59
CA LEU B 188 -0.44 0.53 -16.65
C LEU B 188 -0.38 1.07 -15.23
N CYS B 189 0.64 1.90 -14.96
CA CYS B 189 0.74 2.58 -13.67
C CYS B 189 -0.11 3.85 -13.67
N GLN B 190 -0.19 4.55 -14.81
CA GLN B 190 -1.11 5.67 -14.91
C GLN B 190 -2.55 5.25 -14.70
N ALA B 191 -2.91 4.03 -15.11
CA ALA B 191 -4.27 3.52 -14.90
C ALA B 191 -4.61 3.35 -13.42
N LYS B 192 -3.63 3.04 -12.58
CA LYS B 192 -3.85 2.94 -11.14
C LYS B 192 -3.70 4.28 -10.43
N GLY B 193 -3.54 5.37 -11.18
CA GLY B 193 -3.58 6.70 -10.59
C GLY B 193 -4.95 7.02 -10.02
N PHE B 194 -5.12 8.23 -9.50
CA PHE B 194 -6.36 8.63 -8.85
C PHE B 194 -6.99 9.80 -9.57
N ILE B 195 -8.29 9.95 -9.35
CA ILE B 195 -9.02 11.18 -9.63
C ILE B 195 -9.60 11.69 -8.30
N CYS B 196 -9.33 12.98 -8.00
CA CYS B 196 -9.80 13.57 -6.75
C CYS B 196 -11.32 13.46 -6.66
N GLU B 197 -11.82 12.75 -5.64
CA GLU B 197 -13.26 12.57 -5.48
C GLU B 197 -13.99 13.90 -5.28
N PHE B 198 -13.30 14.91 -4.73
CA PHE B 198 -13.92 16.21 -4.48
C PHE B 198 -14.21 16.95 -5.78
N CYS B 199 -13.16 17.30 -6.52
CA CYS B 199 -13.26 18.16 -7.69
C CYS B 199 -13.57 17.40 -8.97
N GLN B 200 -13.18 16.13 -9.04
CA GLN B 200 -13.46 15.25 -10.15
C GLN B 200 -12.72 15.66 -11.40
N ASN B 201 -11.66 16.44 -11.27
CA ASN B 201 -10.94 16.89 -12.45
C ASN B 201 -10.27 15.67 -13.08
N GLU B 202 -10.87 15.15 -14.16
CA GLU B 202 -10.29 13.98 -14.79
C GLU B 202 -9.12 14.33 -15.72
N ASP B 203 -8.62 15.56 -15.65
CA ASP B 203 -7.47 15.99 -16.44
C ASP B 203 -6.17 16.00 -15.65
N ASP B 204 -6.24 15.72 -14.34
CA ASP B 204 -5.09 15.77 -13.43
C ASP B 204 -5.10 14.49 -12.58
N ILE B 205 -4.51 13.43 -13.13
CA ILE B 205 -4.47 12.15 -12.46
C ILE B 205 -3.31 12.19 -11.46
N ILE B 206 -3.64 12.13 -10.18
CA ILE B 206 -2.67 12.25 -9.09
C ILE B 206 -2.28 10.88 -8.56
N PHE B 207 -1.05 10.75 -8.11
CA PHE B 207 -0.55 9.53 -7.49
C PHE B 207 -0.16 9.82 -6.05
N PRO B 208 -0.13 8.81 -5.19
CA PRO B 208 0.13 9.07 -3.76
C PRO B 208 1.56 9.55 -3.42
N PHE B 209 2.54 9.33 -4.31
CA PHE B 209 3.90 9.71 -4.00
C PHE B 209 4.18 11.16 -4.34
N GLU B 210 3.23 11.85 -4.99
CA GLU B 210 3.37 13.27 -5.31
C GLU B 210 2.85 14.07 -4.14
N LEU B 211 3.69 14.18 -3.10
CA LEU B 211 3.27 14.84 -1.87
C LEU B 211 3.30 16.37 -1.97
N HIS B 212 3.89 16.92 -3.04
CA HIS B 212 3.69 18.32 -3.36
C HIS B 212 2.22 18.63 -3.62
N LYS B 213 1.55 17.78 -4.40
CA LYS B 213 0.26 18.05 -5.04
C LYS B 213 -0.92 17.68 -4.15
N CYS B 214 -0.81 16.53 -3.50
CA CYS B 214 -1.96 15.85 -2.94
C CYS B 214 -1.61 15.34 -1.56
N ARG B 215 -2.63 15.10 -0.75
CA ARG B 215 -2.46 14.45 0.54
C ARG B 215 -3.30 13.18 0.53
N THR B 216 -2.69 12.08 0.97
CA THR B 216 -3.33 10.78 0.97
C THR B 216 -4.00 10.55 2.32
N CYS B 217 -5.29 10.21 2.31
CA CYS B 217 -5.89 9.64 3.50
C CYS B 217 -5.07 8.42 3.91
N GLU B 218 -5.01 8.13 5.21
CA GLU B 218 -4.28 6.96 5.61
C GLU B 218 -5.12 6.01 6.46
N GLU B 219 -6.43 6.21 6.43
CA GLU B 219 -7.40 5.18 6.74
C GLU B 219 -7.92 4.48 5.49
N CYS B 220 -8.30 5.25 4.46
CA CYS B 220 -8.75 4.74 3.18
C CYS B 220 -7.63 4.66 2.15
N LYS B 221 -6.56 5.42 2.33
CA LYS B 221 -5.45 5.58 1.39
C LYS B 221 -5.92 6.11 0.03
N ALA B 222 -7.20 6.50 -0.07
CA ALA B 222 -7.66 7.35 -1.16
C ALA B 222 -6.79 8.61 -1.26
N CYS B 223 -6.66 9.12 -2.48
CA CYS B 223 -5.78 10.22 -2.76
C CYS B 223 -6.61 11.41 -3.22
N TYR B 224 -6.40 12.57 -2.58
CA TYR B 224 -7.11 13.79 -2.91
C TYR B 224 -6.09 14.91 -3.10
N HIS B 225 -6.48 15.98 -3.80
CA HIS B 225 -5.64 17.19 -3.81
C HIS B 225 -5.51 17.75 -2.41
N LYS B 226 -4.36 18.38 -2.12
CA LYS B 226 -4.24 19.14 -0.87
C LYS B 226 -5.33 20.18 -0.76
N ALA B 227 -5.49 20.99 -1.82
CA ALA B 227 -6.51 22.04 -1.85
C ALA B 227 -7.90 21.52 -1.48
N CYS B 228 -8.25 20.33 -1.97
CA CYS B 228 -9.61 19.78 -1.86
C CYS B 228 -9.89 19.08 -0.52
N PHE B 229 -8.85 18.61 0.18
CA PHE B 229 -9.07 17.78 1.36
C PHE B 229 -9.02 18.57 2.66
N LYS B 230 -7.82 18.66 3.24
CA LYS B 230 -7.50 19.13 4.60
C LYS B 230 -8.68 19.48 5.51
N SER B 231 -9.68 20.20 4.97
CA SER B 231 -10.89 20.49 5.73
C SER B 231 -11.88 19.33 5.68
N GLY B 232 -12.32 18.86 6.83
CA GLY B 232 -13.34 17.84 6.87
C GLY B 232 -12.80 16.43 6.73
N SER B 233 -13.73 15.51 6.49
CA SER B 233 -13.48 14.09 6.48
C SER B 233 -13.24 13.61 5.04
N CYS B 234 -12.98 12.28 4.91
CA CYS B 234 -12.74 11.59 3.66
C CYS B 234 -14.05 10.99 3.16
N PRO B 235 -14.46 11.30 1.92
CA PRO B 235 -15.76 10.80 1.44
C PRO B 235 -15.81 9.29 1.28
N ARG B 236 -14.67 8.65 1.02
CA ARG B 236 -14.64 7.21 0.77
C ARG B 236 -15.18 6.43 1.95
N CYS B 237 -14.72 6.75 3.17
CA CYS B 237 -15.16 6.03 4.35
C CYS B 237 -16.57 6.44 4.81
N GLU B 238 -17.00 7.66 4.46
CA GLU B 238 -18.37 8.07 4.74
C GLU B 238 -19.38 7.08 4.15
N ARG B 239 -19.06 6.52 2.97
CA ARG B 239 -19.91 5.51 2.35
C ARG B 239 -19.63 4.11 2.88
N LEU B 240 -18.35 3.72 2.91
CA LEU B 240 -17.96 2.35 3.24
C LEU B 240 -18.51 1.90 4.60
N GLN B 241 -18.64 2.84 5.53
CA GLN B 241 -19.16 2.54 6.85
C GLN B 241 -20.55 3.11 7.07
N ALA B 242 -21.13 3.78 6.06
CA ALA B 242 -22.59 3.84 5.94
C ALA B 242 -23.13 2.66 5.14
N ARG B 243 -22.24 1.77 4.68
CA ARG B 243 -22.63 0.54 3.97
C ARG B 243 -23.05 -0.53 4.96
N ARG B 244 -22.09 -1.04 5.74
CA ARG B 244 -22.40 -1.92 6.85
C ARG B 244 -23.43 -1.30 7.79
N GLU B 245 -23.56 0.04 7.78
CA GLU B 245 -24.56 0.76 8.57
C GLU B 245 -25.99 0.34 8.22
N ALA B 246 -26.31 0.27 6.93
CA ALA B 246 -27.64 -0.13 6.50
C ALA B 246 -27.79 -1.64 6.29
N LEU B 247 -26.68 -2.37 6.34
CA LEU B 247 -26.68 -3.83 6.34
C LEU B 247 -26.99 -4.42 7.72
N ALA B 248 -26.54 -3.78 8.80
CA ALA B 248 -26.66 -4.33 10.16
C ALA B 248 -28.09 -4.33 10.70
#